data_7O2I
#
_entry.id   7O2I
#
_cell.length_a   64.094
_cell.length_b   64.094
_cell.length_c   225.302
_cell.angle_alpha   90.000
_cell.angle_beta   90.000
_cell.angle_gamma   120.000
#
_symmetry.space_group_name_H-M   'P 32 2 1'
#
loop_
_entity.id
_entity.type
_entity.pdbx_description
1 polymer 'N6-adenosine-methyltransferase catalytic subunit'
2 polymer 'N6-adenosine-methyltransferase non-catalytic subunit'
3 non-polymer ~{N}-[[6-[(cyclohexylmethylamino)methyl]imidazo[1,2-a]pyridin-2-yl]methyl]-4-oxidanylidene-1~{H}-pyrido[1,2-a]pyrimidine-2-carboxamide
4 non-polymer 'DIMETHYL SULFOXIDE'
5 water water
#
loop_
_entity_poly.entity_id
_entity_poly.type
_entity_poly.pdbx_seq_one_letter_code
_entity_poly.pdbx_strand_id
1 'polypeptide(L)'
;MALTQSVGGDSSADRLFPPQWICCDIRYLDVSILGKFAVVMADPPWDIHMELPYGTLTDDEMRRLNIPVLQDDGFLFLWV
TGRAMELGRECLNLWGYERVDEIIWVKTNQLQRIIRTGRTGHWLNHGKEHCLVGVKGNPQGFNQGLDCDVIVAEVRSTSH
KPDEIYGMIERLSPGTRKIELFGRPHNVQPNWITLGNQLDGIHLLDPDVVARFKQRYPDGIISKPKNL
;
A
2 'polypeptide(L)'
;GSLKGTQSLNPHNDYCQHFVDTGHRPQNFIRDVGLADRFEEYPKLRELIRLKDELIAKSNTPPMYLQADIEAFDIRELTP
KFDVILLEPPLEEYYRETGITANEKCWTWDDIMKLEIDEIAAPRSFIFLWCGSGEGLDLGRVCLRKWGYRRCEDICWIKT
NKNNPGKTKTLDPKAVFQRTKEHCLMGIKGTVKRSTDGDFIHANVDIDLIITEEPEIGNIEKPVEIFHIIEHFCLGRRRL
HLFGRDSTIRPGWLTVGPTLTNSNYNAETYASYFSAPNSYLTGCTEEIERL
;
B
#
loop_
_chem_comp.id
_chem_comp.type
_chem_comp.name
_chem_comp.formula
DMS non-polymer 'DIMETHYL SULFOXIDE' 'C2 H6 O S'
V22 non-polymer ~{N}-[[6-[(cyclohexylmethylamino)methyl]imidazo[1,2-a]pyridin-2-yl]methyl]-4-oxidanylidene-1~{H}-pyrido[1,2-a]pyrimidine-2-carboxamide 'C25 H29 N6 O2'
#
# COMPACT_ATOMS: atom_id res chain seq x y z
N LEU A 16 -27.24 19.68 -4.85
CA LEU A 16 -27.19 18.20 -4.80
C LEU A 16 -28.20 17.61 -5.79
N PHE A 17 -27.83 16.46 -6.36
CA PHE A 17 -28.52 15.78 -7.48
C PHE A 17 -28.85 14.35 -7.06
N PRO A 18 -30.12 13.89 -7.21
CA PRO A 18 -30.48 12.58 -6.70
C PRO A 18 -29.64 11.53 -7.41
N PRO A 19 -29.49 10.30 -6.85
CA PRO A 19 -28.74 9.25 -7.51
C PRO A 19 -29.25 9.07 -8.94
N GLN A 20 -28.33 8.95 -9.89
CA GLN A 20 -28.61 8.45 -11.25
C GLN A 20 -27.77 7.22 -11.48
N TRP A 21 -28.20 6.36 -12.41
CA TRP A 21 -27.54 5.08 -12.70
C TRP A 21 -28.04 4.51 -14.04
N ILE A 22 -27.32 3.51 -14.51
CA ILE A 22 -27.40 2.90 -15.87
C ILE A 22 -26.88 1.47 -15.73
N CYS A 23 -27.76 0.47 -15.69
CA CYS A 23 -27.36 -0.97 -15.79
C CYS A 23 -26.84 -1.20 -17.20
N CYS A 24 -25.69 -1.81 -17.34
CA CYS A 24 -25.01 -1.92 -18.65
C CYS A 24 -23.73 -2.72 -18.51
N ASP A 25 -23.20 -3.20 -19.64
CA ASP A 25 -21.82 -3.67 -19.75
C ASP A 25 -20.97 -2.44 -19.97
N ILE A 26 -20.14 -2.14 -19.01
CA ILE A 26 -19.21 -1.01 -19.03
C ILE A 26 -18.11 -1.26 -20.07
N ARG A 27 -18.25 -2.30 -20.89
CA ARG A 27 -17.28 -2.58 -21.99
C ARG A 27 -17.81 -2.00 -23.30
N TYR A 28 -19.14 -1.91 -23.46
CA TYR A 28 -19.81 -1.67 -24.76
C TYR A 28 -20.47 -0.29 -24.76
N LEU A 29 -20.60 0.35 -23.61
CA LEU A 29 -21.36 1.61 -23.48
C LEU A 29 -20.53 2.77 -24.06
N ASP A 30 -21.19 3.80 -24.60
CA ASP A 30 -20.55 5.03 -25.13
C ASP A 30 -20.53 6.09 -24.04
N VAL A 31 -19.50 6.04 -23.22
CA VAL A 31 -19.38 6.83 -21.96
C VAL A 31 -19.31 8.32 -22.28
N SER A 32 -18.97 8.67 -23.50
CA SER A 32 -18.87 10.07 -23.98
C SER A 32 -20.19 10.80 -23.73
N ILE A 33 -21.31 10.15 -24.03
CA ILE A 33 -22.66 10.78 -23.87
C ILE A 33 -22.70 11.48 -22.49
N LEU A 34 -22.01 10.91 -21.51
CA LEU A 34 -22.12 11.29 -20.07
C LEU A 34 -21.29 12.53 -19.79
N GLY A 35 -20.26 12.79 -20.59
CA GLY A 35 -19.42 13.99 -20.45
C GLY A 35 -18.29 13.82 -19.41
N LYS A 36 -18.08 14.83 -18.54
CA LYS A 36 -16.85 15.01 -17.72
C LYS A 36 -17.19 15.12 -16.24
N PHE A 37 -16.38 14.51 -15.41
CA PHE A 37 -16.56 14.46 -13.95
C PHE A 37 -15.28 14.88 -13.26
N ALA A 38 -15.40 15.53 -12.10
CA ALA A 38 -14.23 15.98 -11.30
C ALA A 38 -13.62 14.76 -10.64
N VAL A 39 -14.44 13.75 -10.40
CA VAL A 39 -14.05 12.49 -9.69
C VAL A 39 -14.67 11.30 -10.41
N VAL A 40 -13.81 10.35 -10.77
CA VAL A 40 -14.16 8.98 -11.21
C VAL A 40 -13.74 8.03 -10.12
N MET A 41 -14.63 7.13 -9.71
CA MET A 41 -14.28 6.01 -8.81
C MET A 41 -14.68 4.70 -9.47
N ALA A 42 -13.91 3.67 -9.23
CA ALA A 42 -14.20 2.32 -9.70
C ALA A 42 -13.77 1.34 -8.63
N ASP A 43 -14.64 0.41 -8.30
CA ASP A 43 -14.29 -0.81 -7.56
C ASP A 43 -14.41 -2.00 -8.50
N PRO A 44 -13.50 -2.15 -9.46
CA PRO A 44 -13.67 -3.11 -10.55
C PRO A 44 -13.53 -4.53 -10.05
N PRO A 45 -14.24 -5.49 -10.70
CA PRO A 45 -14.08 -6.91 -10.43
C PRO A 45 -12.85 -7.50 -11.14
N TRP A 46 -11.68 -7.23 -10.62
CA TRP A 46 -10.38 -7.65 -11.21
C TRP A 46 -10.37 -9.15 -11.43
N ASP A 47 -9.56 -9.62 -12.37
CA ASP A 47 -9.40 -11.06 -12.67
C ASP A 47 -8.30 -11.62 -11.78
N ILE A 48 -8.39 -11.39 -10.48
CA ILE A 48 -7.74 -12.25 -9.45
C ILE A 48 -8.16 -13.67 -9.75
N HIS A 49 -7.27 -14.49 -10.32
CA HIS A 49 -7.60 -15.84 -10.86
C HIS A 49 -7.81 -16.81 -9.69
N MET A 50 -8.88 -16.59 -8.92
CA MET A 50 -9.32 -17.45 -7.79
C MET A 50 -10.46 -18.38 -8.27
N GLU A 51 -10.88 -18.26 -9.53
CA GLU A 51 -12.18 -18.80 -10.02
C GLU A 51 -13.30 -18.22 -9.15
N LEU A 52 -13.53 -16.90 -9.26
CA LEU A 52 -14.29 -16.06 -8.27
C LEU A 52 -15.79 -16.35 -8.35
N PRO A 53 -16.58 -15.99 -7.31
CA PRO A 53 -18.03 -16.22 -7.32
C PRO A 53 -18.87 -15.14 -8.04
N TYR A 54 -18.27 -14.27 -8.86
CA TYR A 54 -18.95 -13.24 -9.70
C TYR A 54 -18.17 -13.07 -10.99
N GLY A 55 -18.76 -12.43 -12.01
CA GLY A 55 -18.11 -12.15 -13.31
C GLY A 55 -16.96 -11.14 -13.18
N THR A 56 -15.82 -11.43 -13.82
CA THR A 56 -14.61 -10.55 -13.83
C THR A 56 -14.41 -9.92 -15.21
N LEU A 57 -13.50 -8.97 -15.29
CA LEU A 57 -12.87 -8.51 -16.53
C LEU A 57 -11.43 -9.03 -16.55
N THR A 58 -10.98 -9.49 -17.71
CA THR A 58 -9.57 -9.76 -18.02
C THR A 58 -8.78 -8.48 -17.85
N ASP A 59 -7.45 -8.57 -17.87
CA ASP A 59 -6.55 -7.40 -17.83
C ASP A 59 -6.86 -6.52 -19.04
N ASP A 60 -6.80 -7.09 -20.25
CA ASP A 60 -6.97 -6.32 -21.52
C ASP A 60 -8.26 -5.53 -21.42
N GLU A 61 -9.35 -6.20 -21.07
CA GLU A 61 -10.65 -5.55 -20.90
C GLU A 61 -10.45 -4.30 -20.03
N MET A 62 -9.71 -4.44 -18.94
CA MET A 62 -9.49 -3.33 -17.98
C MET A 62 -8.60 -2.26 -18.62
N ARG A 63 -7.38 -2.62 -19.06
CA ARG A 63 -6.49 -1.71 -19.82
C ARG A 63 -7.33 -0.90 -20.84
N ARG A 64 -8.18 -1.58 -21.61
CA ARG A 64 -8.82 -0.98 -22.81
C ARG A 64 -10.04 -0.17 -22.40
N LEU A 65 -10.48 -0.28 -21.14
CA LEU A 65 -11.58 0.54 -20.59
C LEU A 65 -11.38 1.98 -21.03
N ASN A 66 -12.47 2.66 -21.29
CA ASN A 66 -12.47 3.96 -22.00
C ASN A 66 -12.52 5.10 -20.96
N ILE A 67 -11.61 5.07 -19.98
CA ILE A 67 -11.54 6.03 -18.83
C ILE A 67 -11.21 7.43 -19.34
N PRO A 68 -10.19 7.58 -20.22
CA PRO A 68 -9.60 8.89 -20.51
C PRO A 68 -10.63 9.91 -20.96
N VAL A 69 -11.78 9.46 -21.43
CA VAL A 69 -12.84 10.30 -22.01
C VAL A 69 -13.61 11.03 -20.90
N LEU A 70 -13.54 10.53 -19.68
CA LEU A 70 -14.46 10.94 -18.57
C LEU A 70 -13.96 12.22 -17.90
N GLN A 71 -12.69 12.53 -17.98
CA GLN A 71 -12.14 13.69 -17.25
C GLN A 71 -11.20 14.46 -18.15
N ASP A 72 -11.32 15.78 -18.13
CA ASP A 72 -10.28 16.69 -18.64
C ASP A 72 -9.29 16.96 -17.51
N ASP A 73 -9.77 17.40 -16.35
CA ASP A 73 -8.94 17.52 -15.13
C ASP A 73 -9.65 16.78 -13.99
N GLY A 74 -8.93 16.34 -12.96
CA GLY A 74 -9.56 15.74 -11.77
C GLY A 74 -8.92 14.42 -11.32
N PHE A 75 -9.64 13.70 -10.47
CA PHE A 75 -9.10 12.64 -9.62
C PHE A 75 -9.79 11.32 -9.93
N LEU A 76 -9.04 10.24 -9.80
CA LEU A 76 -9.52 8.85 -9.92
C LEU A 76 -9.34 8.14 -8.57
N PHE A 77 -10.37 7.40 -8.12
CA PHE A 77 -10.35 6.54 -6.91
C PHE A 77 -10.52 5.11 -7.36
N LEU A 78 -9.42 4.37 -7.39
CA LEU A 78 -9.37 2.99 -7.90
C LEU A 78 -9.01 2.06 -6.76
N TRP A 79 -9.94 1.18 -6.40
CA TRP A 79 -9.78 0.12 -5.38
C TRP A 79 -8.95 -1.04 -5.97
N VAL A 80 -8.06 -1.60 -5.17
CA VAL A 80 -7.09 -2.64 -5.61
C VAL A 80 -6.98 -3.71 -4.51
N THR A 81 -6.25 -4.77 -4.81
CA THR A 81 -6.27 -6.04 -4.05
C THR A 81 -5.29 -6.99 -4.76
N GLY A 82 -4.51 -7.74 -3.99
CA GLY A 82 -3.60 -8.76 -4.53
C GLY A 82 -2.76 -8.19 -5.64
N ARG A 83 -2.81 -8.79 -6.82
CA ARG A 83 -1.97 -8.39 -8.00
C ARG A 83 -2.51 -7.10 -8.61
N ALA A 84 -3.76 -6.75 -8.33
CA ALA A 84 -4.44 -5.56 -8.85
C ALA A 84 -3.79 -4.28 -8.26
N MET A 85 -2.90 -4.44 -7.29
CA MET A 85 -2.04 -3.34 -6.80
C MET A 85 -0.99 -2.96 -7.87
N GLU A 86 -0.54 -3.93 -8.66
CA GLU A 86 0.45 -3.69 -9.73
C GLU A 86 -0.30 -3.29 -11.01
N LEU A 87 -1.41 -3.93 -11.29
CA LEU A 87 -2.18 -3.77 -12.55
C LEU A 87 -2.92 -2.42 -12.53
N GLY A 88 -3.57 -2.09 -11.41
CA GLY A 88 -4.24 -0.79 -11.18
C GLY A 88 -3.31 0.39 -11.43
N ARG A 89 -2.06 0.24 -11.01
CA ARG A 89 -1.00 1.24 -11.24
C ARG A 89 -0.78 1.32 -12.74
N GLU A 90 -0.67 0.18 -13.38
CA GLU A 90 -0.54 0.06 -14.85
C GLU A 90 -1.74 0.75 -15.49
N CYS A 91 -2.94 0.33 -15.12
CA CYS A 91 -4.20 0.84 -15.68
C CYS A 91 -4.26 2.33 -15.47
N LEU A 92 -3.79 2.75 -14.33
CA LEU A 92 -3.92 4.12 -13.87
C LEU A 92 -2.93 5.01 -14.64
N ASN A 93 -1.74 4.50 -14.92
CA ASN A 93 -0.75 5.18 -15.81
C ASN A 93 -1.22 5.10 -17.26
N LEU A 94 -1.66 3.94 -17.72
CA LEU A 94 -2.08 3.76 -19.13
C LEU A 94 -3.22 4.76 -19.41
N TRP A 95 -4.12 4.95 -18.45
CA TRP A 95 -5.26 5.91 -18.52
C TRP A 95 -4.78 7.35 -18.45
N GLY A 96 -3.50 7.54 -18.14
CA GLY A 96 -2.81 8.85 -18.16
C GLY A 96 -3.07 9.62 -16.90
N TYR A 97 -3.00 8.92 -15.76
CA TYR A 97 -3.00 9.50 -14.42
C TYR A 97 -1.63 9.31 -13.79
N GLU A 98 -1.25 10.20 -12.87
CA GLU A 98 -0.21 9.91 -11.88
C GLU A 98 -0.90 9.63 -10.55
N ARG A 99 -0.42 8.64 -9.81
CA ARG A 99 -0.93 8.30 -8.46
C ARG A 99 -0.33 9.27 -7.44
N VAL A 100 -1.14 10.02 -6.72
CA VAL A 100 -0.68 11.03 -5.72
C VAL A 100 -1.03 10.60 -4.30
N ASP A 101 -1.86 9.59 -4.12
CA ASP A 101 -2.24 9.12 -2.77
C ASP A 101 -2.71 7.66 -2.87
N GLU A 102 -2.59 6.92 -1.78
CA GLU A 102 -3.04 5.51 -1.64
C GLU A 102 -3.74 5.44 -0.30
N ILE A 103 -5.08 5.41 -0.32
CA ILE A 103 -5.94 5.32 0.90
C ILE A 103 -6.02 3.87 1.31
N ILE A 104 -5.79 3.58 2.58
CA ILE A 104 -6.04 2.24 3.14
C ILE A 104 -7.29 2.30 4.02
N TRP A 105 -8.15 1.30 3.88
CA TRP A 105 -9.32 1.02 4.74
C TRP A 105 -8.91 0.01 5.80
N VAL A 106 -9.08 0.36 7.08
CA VAL A 106 -8.87 -0.58 8.20
C VAL A 106 -10.21 -1.09 8.68
N LYS A 107 -10.35 -2.40 8.65
CA LYS A 107 -11.60 -3.12 8.91
C LYS A 107 -11.62 -3.47 10.39
N THR A 108 -12.56 -2.86 11.09
CA THR A 108 -12.80 -3.01 12.52
C THR A 108 -14.12 -3.75 12.70
N ASN A 109 -14.28 -4.51 13.79
CA ASN A 109 -15.58 -5.13 14.18
C ASN A 109 -16.44 -4.04 14.88
N GLN A 110 -17.61 -4.41 15.39
CA GLN A 110 -18.57 -3.49 16.05
C GLN A 110 -17.95 -2.96 17.35
N LEU A 111 -16.82 -3.56 17.78
CA LEU A 111 -16.10 -3.22 19.04
C LEU A 111 -14.75 -2.56 18.71
N GLN A 112 -14.52 -2.23 17.45
CA GLN A 112 -13.39 -1.37 17.00
C GLN A 112 -12.06 -2.15 17.10
N ARG A 113 -12.14 -3.48 17.02
CA ARG A 113 -10.98 -4.40 16.91
C ARG A 113 -10.78 -4.73 15.44
N ILE A 114 -9.55 -5.06 15.01
CA ILE A 114 -9.19 -5.32 13.59
C ILE A 114 -9.65 -6.75 13.20
N ILE A 115 -9.83 -7.02 11.89
CA ILE A 115 -10.45 -8.28 11.35
C ILE A 115 -9.48 -8.97 10.36
N ARG A 116 -9.81 -10.21 9.96
CA ARG A 116 -8.95 -11.14 9.15
C ARG A 116 -9.37 -11.09 7.68
N HIS A 122 0.29 -14.15 -0.41
CA HIS A 122 -0.32 -13.50 0.79
C HIS A 122 0.06 -14.31 2.07
N TRP A 123 1.09 -13.83 2.80
CA TRP A 123 1.75 -14.51 3.98
C TRP A 123 1.12 -14.06 5.31
N LEU A 124 0.38 -12.95 5.30
CA LEU A 124 -0.25 -12.32 6.49
C LEU A 124 -1.77 -12.30 6.26
N ASN A 125 -2.54 -12.24 7.36
CA ASN A 125 -3.97 -11.82 7.34
C ASN A 125 -4.03 -10.40 6.79
N HIS A 126 -4.97 -10.10 5.91
CA HIS A 126 -5.20 -8.73 5.40
C HIS A 126 -6.19 -8.05 6.33
N GLY A 127 -5.73 -7.00 7.00
CA GLY A 127 -6.50 -6.19 7.96
C GLY A 127 -6.97 -4.89 7.33
N LYS A 128 -6.63 -4.68 6.06
CA LYS A 128 -6.81 -3.39 5.33
C LYS A 128 -7.09 -3.63 3.85
N GLU A 129 -7.72 -2.64 3.21
CA GLU A 129 -7.92 -2.59 1.74
C GLU A 129 -7.38 -1.25 1.23
N HIS A 130 -6.89 -1.24 -0.01
CA HIS A 130 -6.16 -0.13 -0.66
C HIS A 130 -7.03 0.48 -1.75
N CYS A 131 -7.00 1.80 -1.89
CA CYS A 131 -7.68 2.57 -2.95
C CYS A 131 -6.69 3.59 -3.47
N LEU A 132 -6.09 3.34 -4.64
CA LEU A 132 -5.09 4.25 -5.26
C LEU A 132 -5.81 5.53 -5.64
N VAL A 133 -5.12 6.64 -5.57
CA VAL A 133 -5.69 7.97 -5.93
C VAL A 133 -4.84 8.58 -7.04
N GLY A 134 -5.43 8.70 -8.22
CA GLY A 134 -4.79 9.28 -9.39
C GLY A 134 -5.29 10.67 -9.63
N VAL A 135 -4.43 11.50 -10.16
CA VAL A 135 -4.78 12.83 -10.68
C VAL A 135 -4.49 12.83 -12.19
N LYS A 136 -5.25 13.63 -12.94
CA LYS A 136 -5.07 13.92 -14.38
C LYS A 136 -5.18 15.43 -14.59
N GLY A 137 -4.24 16.00 -15.36
CA GLY A 137 -4.23 17.43 -15.75
C GLY A 137 -3.93 18.34 -14.59
N ASN A 138 -4.50 19.54 -14.61
CA ASN A 138 -4.33 20.59 -13.57
C ASN A 138 -5.70 20.88 -12.96
N PRO A 139 -6.09 20.13 -11.92
CA PRO A 139 -7.36 20.33 -11.26
C PRO A 139 -7.29 21.44 -10.20
N GLN A 140 -8.36 22.24 -10.08
CA GLN A 140 -8.43 23.41 -9.17
C GLN A 140 -9.79 23.43 -8.46
N GLY A 141 -9.86 24.11 -7.31
CA GLY A 141 -11.09 24.22 -6.48
C GLY A 141 -11.07 23.24 -5.33
N PHE A 142 -10.29 22.18 -5.46
CA PHE A 142 -10.27 21.03 -4.54
C PHE A 142 -9.73 21.47 -3.20
N ASN A 143 -10.44 21.11 -2.13
CA ASN A 143 -9.98 21.24 -0.73
C ASN A 143 -8.99 20.12 -0.42
N GLN A 144 -7.81 20.16 -1.02
CA GLN A 144 -6.79 19.11 -0.84
C GLN A 144 -6.32 19.21 0.61
N GLY A 145 -6.08 18.05 1.25
CA GLY A 145 -5.49 17.95 2.59
C GLY A 145 -6.53 17.95 3.71
N LEU A 146 -7.84 17.95 3.37
CA LEU A 146 -8.96 18.02 4.35
C LEU A 146 -9.07 16.71 5.15
N ASP A 147 -9.10 15.57 4.48
CA ASP A 147 -9.16 14.26 5.17
C ASP A 147 -7.74 13.75 5.31
N CYS A 148 -7.58 12.66 6.02
CA CYS A 148 -6.30 11.92 6.07
C CYS A 148 -6.52 10.58 5.37
N ASP A 149 -5.43 9.89 5.04
CA ASP A 149 -5.37 8.76 4.05
C ASP A 149 -5.66 7.42 4.74
N VAL A 150 -6.17 7.44 5.98
CA VAL A 150 -6.66 6.20 6.66
C VAL A 150 -8.16 6.30 6.97
N ILE A 151 -8.86 5.23 6.64
CA ILE A 151 -10.29 5.03 6.93
C ILE A 151 -10.41 3.89 7.92
N VAL A 152 -11.07 4.16 9.02
CA VAL A 152 -11.38 3.16 10.07
C VAL A 152 -12.90 2.99 10.15
N ALA A 153 -13.36 1.77 9.89
CA ALA A 153 -14.77 1.49 9.59
C ALA A 153 -15.03 -0.01 9.67
N GLU A 154 -16.20 -0.34 10.20
CA GLU A 154 -16.76 -1.69 10.28
C GLU A 154 -16.93 -2.25 8.86
N VAL A 155 -16.67 -3.56 8.69
CA VAL A 155 -17.10 -4.41 7.54
C VAL A 155 -18.60 -4.72 7.66
N ARG A 156 -19.45 -3.74 7.36
CA ARG A 156 -20.93 -3.86 7.48
C ARG A 156 -21.44 -4.76 6.33
N SER A 157 -20.83 -4.67 5.14
CA SER A 157 -21.25 -5.38 3.88
C SER A 157 -20.28 -6.52 3.58
N THR A 158 -20.43 -7.15 2.40
CA THR A 158 -19.68 -8.37 2.00
C THR A 158 -18.42 -7.95 1.24
N SER A 159 -18.59 -7.39 0.04
CA SER A 159 -17.52 -7.13 -0.97
C SER A 159 -17.51 -5.64 -1.35
N HIS A 160 -17.91 -4.79 -0.43
CA HIS A 160 -18.16 -3.35 -0.68
C HIS A 160 -17.18 -2.48 0.09
N LYS A 161 -17.01 -1.28 -0.40
CA LYS A 161 -16.28 -0.19 0.26
C LYS A 161 -17.17 0.44 1.32
N PRO A 162 -16.62 1.29 2.22
CA PRO A 162 -17.44 2.04 3.19
C PRO A 162 -17.93 3.44 2.76
N ASP A 163 -19.14 3.80 3.18
CA ASP A 163 -19.78 5.13 2.96
C ASP A 163 -18.79 6.25 3.26
N GLU A 164 -17.73 5.98 3.99
CA GLU A 164 -16.81 7.02 4.48
C GLU A 164 -16.12 7.70 3.27
N ILE A 165 -15.98 6.98 2.16
CA ILE A 165 -15.20 7.41 0.96
C ILE A 165 -16.00 8.44 0.14
N TYR A 166 -17.32 8.32 0.14
CA TYR A 166 -18.25 9.30 -0.47
C TYR A 166 -18.17 10.59 0.37
N GLY A 167 -18.11 10.45 1.69
CA GLY A 167 -17.86 11.56 2.61
C GLY A 167 -16.59 12.30 2.25
N MET A 168 -15.45 11.58 2.19
CA MET A 168 -14.09 12.14 1.99
C MET A 168 -14.02 12.89 0.67
N ILE A 169 -14.68 12.35 -0.36
CA ILE A 169 -14.63 12.82 -1.75
C ILE A 169 -15.48 14.07 -1.93
N GLU A 170 -16.66 14.16 -1.30
CA GLU A 170 -17.56 15.34 -1.40
C GLU A 170 -16.89 16.52 -0.71
N ARG A 171 -16.27 16.26 0.44
CA ARG A 171 -15.41 17.22 1.17
C ARG A 171 -14.27 17.67 0.25
N LEU A 172 -13.77 16.77 -0.58
CA LEU A 172 -12.70 17.06 -1.55
C LEU A 172 -13.24 17.96 -2.68
N SER A 173 -14.27 17.50 -3.38
CA SER A 173 -14.87 18.19 -4.54
C SER A 173 -16.37 18.34 -4.28
N PRO A 174 -16.75 19.33 -3.47
CA PRO A 174 -18.13 19.52 -3.09
C PRO A 174 -18.94 20.02 -4.29
N GLY A 175 -20.01 19.29 -4.64
CA GLY A 175 -21.09 19.76 -5.52
C GLY A 175 -20.81 19.48 -6.99
N THR A 176 -19.66 18.90 -7.29
CA THR A 176 -19.22 18.60 -8.66
C THR A 176 -19.92 17.34 -9.17
N ARG A 177 -19.86 17.10 -10.49
CA ARG A 177 -20.31 15.84 -11.15
C ARG A 177 -19.30 14.72 -10.84
N LYS A 178 -19.80 13.57 -10.39
CA LYS A 178 -18.97 12.39 -10.06
C LYS A 178 -19.61 11.12 -10.68
N ILE A 179 -18.79 10.19 -11.17
CA ILE A 179 -19.27 8.92 -11.81
C ILE A 179 -18.57 7.73 -11.16
N GLU A 180 -19.22 6.60 -11.15
CA GLU A 180 -18.69 5.37 -10.53
C GLU A 180 -18.83 4.21 -11.49
N LEU A 181 -17.76 3.48 -11.70
CA LEU A 181 -17.75 2.28 -12.58
C LEU A 181 -17.74 1.01 -11.73
N PHE A 182 -18.59 0.06 -12.13
CA PHE A 182 -18.76 -1.27 -11.47
C PHE A 182 -19.38 -1.07 -10.09
N GLY A 183 -19.92 0.12 -9.86
CA GLY A 183 -20.82 0.41 -8.75
C GLY A 183 -22.03 -0.50 -8.80
N ARG A 184 -22.37 -1.10 -7.67
CA ARG A 184 -23.59 -1.93 -7.49
C ARG A 184 -24.66 -1.06 -6.84
N PRO A 185 -25.90 -1.57 -6.66
CA PRO A 185 -27.05 -0.71 -6.36
C PRO A 185 -26.95 0.17 -5.09
N HIS A 186 -26.28 -0.28 -4.03
CA HIS A 186 -26.27 0.49 -2.76
C HIS A 186 -25.18 1.57 -2.80
N ASN A 187 -24.29 1.52 -3.80
CA ASN A 187 -23.22 2.53 -4.04
C ASN A 187 -23.82 3.81 -4.62
N VAL A 188 -25.11 3.81 -4.94
CA VAL A 188 -25.77 4.95 -5.63
C VAL A 188 -25.93 6.08 -4.61
N GLN A 189 -25.39 7.26 -4.93
CA GLN A 189 -25.34 8.42 -4.02
C GLN A 189 -25.69 9.69 -4.80
N PRO A 190 -26.22 10.73 -4.12
CA PRO A 190 -26.36 12.04 -4.74
C PRO A 190 -25.11 12.51 -5.49
N ASN A 191 -25.30 13.15 -6.64
CA ASN A 191 -24.26 13.77 -7.51
C ASN A 191 -23.55 12.70 -8.33
N TRP A 192 -23.79 11.42 -8.01
CA TRP A 192 -23.08 10.26 -8.59
C TRP A 192 -23.98 9.54 -9.59
N ILE A 193 -23.57 9.53 -10.84
CA ILE A 193 -24.00 8.51 -11.82
C ILE A 193 -23.23 7.24 -11.52
N THR A 194 -23.93 6.14 -11.38
CA THR A 194 -23.35 4.82 -11.10
C THR A 194 -23.57 3.92 -12.31
N LEU A 195 -22.50 3.39 -12.90
CA LEU A 195 -22.56 2.40 -14.01
C LEU A 195 -22.18 1.04 -13.45
N GLY A 196 -22.78 -0.02 -14.00
CA GLY A 196 -22.70 -1.38 -13.45
C GLY A 196 -23.82 -2.26 -14.01
N ASN A 197 -23.59 -3.56 -14.06
CA ASN A 197 -24.49 -4.52 -14.72
C ASN A 197 -25.43 -5.15 -13.69
N GLN A 198 -25.51 -4.61 -12.47
CA GLN A 198 -26.37 -5.17 -11.39
C GLN A 198 -27.29 -4.09 -10.83
N LEU A 199 -27.49 -3.02 -11.57
CA LEU A 199 -28.38 -1.92 -11.20
C LEU A 199 -29.76 -2.18 -11.82
N ASP A 200 -30.84 -1.79 -11.12
CA ASP A 200 -32.25 -2.01 -11.56
C ASP A 200 -32.55 -0.99 -12.68
N GLY A 201 -32.14 -1.34 -13.90
CA GLY A 201 -32.50 -0.65 -15.13
C GLY A 201 -31.69 0.60 -15.35
N ILE A 202 -32.36 1.69 -15.65
CA ILE A 202 -31.76 3.02 -15.90
C ILE A 202 -32.59 4.03 -15.15
N HIS A 203 -31.93 4.99 -14.51
CA HIS A 203 -32.55 6.14 -13.83
C HIS A 203 -31.70 7.38 -14.09
N LEU A 204 -32.18 8.27 -14.95
CA LEU A 204 -31.42 9.46 -15.40
C LEU A 204 -32.32 10.69 -15.31
N LEU A 205 -31.73 11.86 -15.07
CA LEU A 205 -32.46 13.09 -14.66
C LEU A 205 -31.81 14.35 -15.24
N ASP A 206 -30.47 14.41 -15.31
CA ASP A 206 -29.71 15.51 -15.99
C ASP A 206 -30.11 15.55 -17.46
N PRO A 207 -30.95 16.53 -17.86
CA PRO A 207 -31.58 16.51 -19.19
C PRO A 207 -30.53 16.41 -20.31
N ASP A 208 -29.41 17.13 -20.13
CA ASP A 208 -28.26 17.17 -21.07
C ASP A 208 -27.68 15.76 -21.29
N VAL A 209 -27.90 14.82 -20.35
CA VAL A 209 -27.50 13.39 -20.51
C VAL A 209 -28.67 12.60 -21.12
N VAL A 210 -29.88 12.83 -20.63
CA VAL A 210 -31.15 12.31 -21.21
C VAL A 210 -31.13 12.55 -22.72
N ALA A 211 -31.15 13.81 -23.13
CA ALA A 211 -30.89 14.28 -24.52
C ALA A 211 -29.88 13.35 -25.20
N ARG A 212 -28.63 13.34 -24.71
CA ARG A 212 -27.46 12.72 -25.38
C ARG A 212 -27.64 11.21 -25.45
N PHE A 213 -28.38 10.62 -24.51
CA PHE A 213 -28.63 9.16 -24.42
C PHE A 213 -29.64 8.74 -25.49
N LYS A 214 -30.84 9.32 -25.43
CA LYS A 214 -31.97 9.02 -26.35
C LYS A 214 -31.42 8.92 -27.77
N GLN A 215 -30.67 9.93 -28.22
CA GLN A 215 -30.26 10.02 -29.65
C GLN A 215 -29.13 9.03 -29.94
N ARG A 216 -28.23 8.79 -29.01
CA ARG A 216 -27.17 7.77 -29.15
C ARG A 216 -27.76 6.36 -29.01
N TYR A 217 -28.77 6.16 -28.18
CA TYR A 217 -29.44 4.85 -27.99
C TYR A 217 -30.92 5.00 -28.28
N PRO A 218 -31.32 5.21 -29.56
CA PRO A 218 -32.67 5.69 -29.89
C PRO A 218 -33.78 4.80 -29.27
N ASP A 219 -33.50 3.51 -29.10
CA ASP A 219 -34.35 2.58 -28.32
C ASP A 219 -33.48 1.89 -27.27
N GLY A 220 -32.89 2.66 -26.35
CA GLY A 220 -32.00 2.15 -25.29
C GLY A 220 -30.95 1.20 -25.84
N ASN B 13 -20.78 5.91 13.17
CA ASN B 13 -19.54 6.68 13.44
C ASN B 13 -18.73 6.85 12.15
N ASP B 14 -18.49 8.11 11.76
CA ASP B 14 -17.54 8.47 10.67
C ASP B 14 -16.29 9.12 11.29
N TYR B 15 -15.19 8.38 11.36
CA TYR B 15 -13.94 8.78 12.06
C TYR B 15 -13.09 9.70 11.18
N CYS B 16 -13.36 9.70 9.87
CA CYS B 16 -12.80 10.68 8.88
C CYS B 16 -13.48 12.03 9.09
N GLN B 17 -14.82 12.01 9.11
CA GLN B 17 -15.68 13.19 9.40
C GLN B 17 -15.29 13.79 10.75
N HIS B 18 -14.94 12.94 11.71
CA HIS B 18 -14.49 13.32 13.08
C HIS B 18 -13.12 14.00 13.00
N PHE B 19 -12.10 13.31 12.47
CA PHE B 19 -10.72 13.84 12.33
C PHE B 19 -10.79 15.29 11.83
N VAL B 20 -11.58 15.51 10.80
CA VAL B 20 -11.89 16.84 10.18
C VAL B 20 -12.36 17.82 11.29
N ASP B 21 -13.27 17.38 12.17
CA ASP B 21 -13.79 18.19 13.31
C ASP B 21 -12.62 18.51 14.27
N THR B 22 -11.88 17.50 14.70
CA THR B 22 -10.95 17.55 15.86
C THR B 22 -9.49 17.51 15.40
N GLY B 23 -9.08 16.46 14.70
CA GLY B 23 -7.67 16.21 14.40
C GLY B 23 -7.21 14.90 15.01
N HIS B 24 -8.16 14.14 15.58
CA HIS B 24 -7.96 12.72 15.98
C HIS B 24 -8.13 11.82 14.76
N ARG B 25 -7.02 11.39 14.22
CA ARG B 25 -6.97 10.43 13.10
C ARG B 25 -7.89 9.27 13.39
N PRO B 26 -8.64 8.73 12.40
CA PRO B 26 -9.43 7.53 12.60
C PRO B 26 -8.64 6.43 13.33
N GLN B 27 -7.36 6.27 12.98
CA GLN B 27 -6.50 5.21 13.58
C GLN B 27 -6.31 5.50 15.07
N ASN B 28 -6.62 6.72 15.53
CA ASN B 28 -6.51 7.10 16.96
C ASN B 28 -7.43 6.18 17.79
N PHE B 29 -8.48 5.60 17.20
CA PHE B 29 -9.64 5.00 17.92
C PHE B 29 -9.65 3.46 17.82
N ILE B 30 -8.55 2.81 17.46
CA ILE B 30 -8.51 1.32 17.30
C ILE B 30 -8.10 0.69 18.62
N ARG B 31 -9.02 -0.02 19.29
CA ARG B 31 -8.92 -0.29 20.75
C ARG B 31 -7.67 -1.13 21.05
N ASP B 32 -7.64 -2.41 20.66
CA ASP B 32 -6.67 -3.40 21.19
C ASP B 32 -5.48 -3.52 20.22
N VAL B 33 -4.48 -2.62 20.38
CA VAL B 33 -3.22 -2.62 19.57
C VAL B 33 -2.11 -3.25 20.43
N GLU B 47 -2.34 -19.44 24.71
CA GLU B 47 -2.09 -19.78 23.27
C GLU B 47 -1.04 -18.82 22.71
N LEU B 48 0.07 -18.66 23.43
CA LEU B 48 1.08 -17.60 23.13
C LEU B 48 2.16 -18.17 22.23
N ILE B 49 2.78 -17.31 21.44
CA ILE B 49 3.81 -17.64 20.42
C ILE B 49 5.17 -17.58 21.09
N ARG B 50 5.30 -18.10 22.30
CA ARG B 50 6.49 -17.85 23.14
C ARG B 50 7.62 -18.75 22.68
N LEU B 51 7.35 -20.03 22.40
CA LEU B 51 8.38 -20.99 21.89
C LEU B 51 9.02 -20.34 20.65
N LYS B 52 8.21 -19.97 19.66
CA LYS B 52 8.70 -19.44 18.36
C LYS B 52 9.73 -18.35 18.65
N ASP B 53 9.41 -17.41 19.55
CA ASP B 53 10.34 -16.34 20.00
C ASP B 53 11.64 -16.97 20.50
N GLU B 54 11.56 -17.94 21.42
CA GLU B 54 12.73 -18.55 22.10
C GLU B 54 13.56 -19.35 21.07
N LEU B 55 12.90 -19.92 20.06
CA LEU B 55 13.58 -20.73 19.01
C LEU B 55 14.31 -19.79 18.04
N ILE B 56 13.68 -18.66 17.72
CA ILE B 56 14.36 -17.54 17.02
C ILE B 56 15.62 -17.21 17.81
N ALA B 57 15.48 -17.06 19.12
CA ALA B 57 16.52 -16.59 20.06
C ALA B 57 17.66 -17.61 20.12
N LYS B 58 17.33 -18.90 20.20
CA LYS B 58 18.31 -20.03 20.26
C LYS B 58 19.11 -20.10 18.96
N SER B 59 18.43 -19.87 17.82
CA SER B 59 19.01 -19.96 16.46
C SER B 59 19.82 -18.68 16.14
N ASN B 60 19.42 -17.52 16.68
CA ASN B 60 19.96 -16.19 16.31
C ASN B 60 21.50 -16.21 16.34
N THR B 61 22.14 -15.75 15.27
CA THR B 61 23.58 -15.41 15.25
C THR B 61 23.83 -14.31 16.28
N PRO B 62 25.08 -14.12 16.69
CA PRO B 62 25.47 -12.90 17.35
C PRO B 62 25.04 -11.74 16.47
N PRO B 63 24.69 -10.56 17.01
CA PRO B 63 24.54 -9.41 16.15
C PRO B 63 25.88 -9.11 15.49
N MET B 64 25.86 -8.66 14.25
CA MET B 64 27.04 -8.16 13.52
C MET B 64 26.67 -6.86 12.90
N TYR B 65 27.64 -6.10 12.54
CA TYR B 65 27.43 -4.76 11.99
C TYR B 65 28.73 -4.33 11.40
N LEU B 66 28.63 -3.53 10.33
CA LEU B 66 29.75 -3.01 9.53
C LEU B 66 29.43 -1.58 9.15
N GLN B 67 30.17 -0.61 9.70
CA GLN B 67 30.08 0.78 9.20
C GLN B 67 30.59 0.81 7.76
N ALA B 68 29.76 1.28 6.82
CA ALA B 68 30.08 1.25 5.39
C ALA B 68 29.26 2.28 4.65
N ASP B 69 29.95 3.08 3.83
CA ASP B 69 29.35 4.05 2.86
C ASP B 69 28.87 3.24 1.65
N ILE B 70 27.57 2.93 1.64
CA ILE B 70 26.95 1.89 0.78
C ILE B 70 27.11 2.30 -0.69
N GLU B 71 26.84 3.58 -0.96
CA GLU B 71 27.11 4.23 -2.26
C GLU B 71 28.55 3.87 -2.71
N ALA B 72 29.53 4.06 -1.84
CA ALA B 72 30.97 4.04 -2.18
C ALA B 72 31.54 2.64 -1.98
N PHE B 73 30.69 1.62 -2.05
CA PHE B 73 30.95 0.30 -1.41
C PHE B 73 30.58 -0.81 -2.39
N ASP B 74 31.58 -1.46 -2.99
CA ASP B 74 31.35 -2.74 -3.70
C ASP B 74 30.46 -3.58 -2.79
N ILE B 75 29.22 -3.83 -3.23
CA ILE B 75 28.15 -4.51 -2.46
C ILE B 75 28.48 -6.01 -2.35
N ARG B 76 29.23 -6.56 -3.33
CA ARG B 76 29.52 -8.02 -3.48
C ARG B 76 30.46 -8.49 -2.35
N GLU B 77 31.12 -7.52 -1.68
CA GLU B 77 32.02 -7.74 -0.49
C GLU B 77 31.22 -8.23 0.75
N LEU B 78 29.93 -8.58 0.57
CA LEU B 78 29.06 -9.22 1.61
C LEU B 78 28.67 -10.63 1.14
N THR B 79 28.81 -11.62 2.03
CA THR B 79 28.51 -13.04 1.75
C THR B 79 28.32 -13.77 3.09
N PRO B 80 27.69 -14.98 3.08
CA PRO B 80 27.11 -15.56 1.87
C PRO B 80 25.93 -14.71 1.39
N LYS B 81 25.27 -15.10 0.31
CA LYS B 81 23.99 -14.51 -0.11
C LYS B 81 23.07 -14.50 1.12
N PHE B 82 21.99 -13.75 1.08
CA PHE B 82 21.11 -13.46 2.22
C PHE B 82 19.74 -14.08 1.99
N ASP B 83 19.18 -14.70 3.04
CA ASP B 83 17.82 -15.29 3.02
C ASP B 83 16.80 -14.17 3.11
N VAL B 84 17.10 -13.11 3.86
CA VAL B 84 16.16 -11.98 4.04
C VAL B 84 16.93 -10.66 4.05
N ILE B 85 16.30 -9.59 3.57
CA ILE B 85 16.92 -8.25 3.44
C ILE B 85 15.91 -7.18 3.82
N LEU B 86 16.31 -6.31 4.74
CA LEU B 86 15.55 -5.16 5.24
C LEU B 86 16.26 -3.91 4.76
N LEU B 87 15.64 -3.25 3.80
CA LEU B 87 16.12 -2.03 3.14
C LEU B 87 15.39 -0.83 3.74
N GLU B 88 16.10 -0.02 4.51
CA GLU B 88 15.58 1.17 5.23
C GLU B 88 16.41 2.38 4.82
N PRO B 89 16.32 2.79 3.55
CA PRO B 89 17.18 3.85 3.04
C PRO B 89 16.63 5.21 3.40
N PRO B 90 17.51 6.19 3.70
CA PRO B 90 17.09 7.46 4.28
C PRO B 90 16.49 8.41 3.23
N LEU B 91 15.18 8.52 3.18
CA LEU B 91 14.49 9.24 2.11
C LEU B 91 14.56 10.72 2.39
N GLU B 92 14.94 11.50 1.37
CA GLU B 92 14.65 12.95 1.24
C GLU B 92 13.45 13.31 2.14
N GLU B 93 12.31 12.67 1.91
CA GLU B 93 11.03 13.03 2.53
C GLU B 93 11.11 12.88 4.06
N TYR B 94 11.73 11.81 4.58
CA TYR B 94 11.75 11.48 6.04
C TYR B 94 12.00 12.76 6.85
N TYR B 95 12.64 13.76 6.23
CA TYR B 95 13.01 15.06 6.83
C TYR B 95 12.11 16.17 6.28
N ARG B 96 11.47 16.90 7.19
CA ARG B 96 10.55 18.03 6.89
C ARG B 96 11.08 19.29 7.57
N LYS B 105 23.86 12.51 4.38
CA LYS B 105 23.53 12.31 2.94
C LYS B 105 22.19 11.55 2.83
N CYS B 106 21.25 12.11 2.08
CA CYS B 106 19.97 11.46 1.70
C CYS B 106 20.14 10.57 0.46
N TRP B 107 19.20 9.64 0.26
CA TRP B 107 19.10 8.80 -0.95
C TRP B 107 17.81 9.12 -1.67
N THR B 108 17.89 9.37 -2.97
CA THR B 108 16.74 9.46 -3.87
C THR B 108 16.39 8.08 -4.38
N TRP B 109 15.22 7.95 -4.93
CA TRP B 109 14.83 6.69 -5.56
C TRP B 109 15.79 6.43 -6.70
N ASP B 110 16.26 7.50 -7.35
CA ASP B 110 17.31 7.42 -8.38
C ASP B 110 18.46 6.59 -7.82
N ASP B 111 18.98 6.96 -6.65
CA ASP B 111 20.18 6.33 -6.04
C ASP B 111 19.85 4.90 -5.66
N ILE B 112 18.67 4.70 -5.04
CA ILE B 112 18.25 3.42 -4.39
C ILE B 112 18.15 2.34 -5.48
N MET B 113 17.53 2.72 -6.60
CA MET B 113 17.22 1.88 -7.76
C MET B 113 18.51 1.37 -8.41
N LYS B 114 19.63 2.04 -8.15
CA LYS B 114 20.96 1.74 -8.74
C LYS B 114 21.65 0.66 -7.93
N LEU B 115 21.14 0.35 -6.76
CA LEU B 115 21.75 -0.69 -5.90
C LEU B 115 21.60 -2.03 -6.61
N GLU B 116 22.52 -2.94 -6.36
CA GLU B 116 22.60 -4.24 -7.06
C GLU B 116 22.22 -5.34 -6.05
N ILE B 117 21.04 -5.20 -5.48
CA ILE B 117 20.52 -6.10 -4.43
C ILE B 117 20.45 -7.54 -4.97
N ASP B 118 20.03 -7.69 -6.23
CA ASP B 118 19.89 -9.00 -6.89
C ASP B 118 21.17 -9.79 -6.64
N GLU B 119 22.31 -9.12 -6.56
CA GLU B 119 23.64 -9.76 -6.56
C GLU B 119 23.99 -10.31 -5.17
N ILE B 120 23.31 -9.91 -4.11
CA ILE B 120 23.58 -10.49 -2.75
C ILE B 120 22.34 -11.20 -2.17
N ALA B 121 21.21 -11.19 -2.86
CA ALA B 121 20.04 -12.01 -2.50
C ALA B 121 20.34 -13.46 -2.86
N ALA B 122 19.83 -14.39 -2.06
CA ALA B 122 19.89 -15.83 -2.32
C ALA B 122 18.80 -16.21 -3.34
N PRO B 123 18.96 -17.34 -4.05
CA PRO B 123 17.97 -17.81 -5.02
C PRO B 123 16.54 -17.80 -4.49
N ARG B 124 16.34 -18.36 -3.29
CA ARG B 124 15.10 -18.17 -2.52
C ARG B 124 15.41 -17.13 -1.44
N SER B 125 14.92 -15.93 -1.62
CA SER B 125 15.29 -14.75 -0.82
C SER B 125 14.02 -13.94 -0.61
N PHE B 126 13.93 -13.21 0.49
CA PHE B 126 12.87 -12.18 0.74
C PHE B 126 13.52 -10.82 0.91
N ILE B 127 12.72 -9.78 0.80
CA ILE B 127 13.16 -8.38 1.03
C ILE B 127 12.01 -7.58 1.61
N PHE B 128 12.29 -6.70 2.55
CA PHE B 128 11.31 -5.77 3.15
C PHE B 128 11.82 -4.37 2.91
N LEU B 129 11.18 -3.63 2.03
CA LEU B 129 11.70 -2.32 1.56
C LEU B 129 10.80 -1.24 2.09
N TRP B 130 11.34 -0.38 2.96
CA TRP B 130 10.62 0.79 3.49
C TRP B 130 10.55 1.81 2.37
N CYS B 131 9.34 2.33 2.09
CA CYS B 131 8.99 3.08 0.85
C CYS B 131 8.43 4.48 1.14
N GLY B 132 8.22 4.85 2.39
CA GLY B 132 7.54 6.12 2.75
C GLY B 132 6.09 6.09 2.36
N SER B 133 5.60 7.18 1.76
CA SER B 133 4.17 7.39 1.38
C SER B 133 4.04 8.20 0.11
N GLY B 134 5.14 8.51 -0.57
CA GLY B 134 5.12 9.33 -1.79
C GLY B 134 5.38 8.47 -3.00
N GLU B 135 6.29 8.92 -3.86
CA GLU B 135 6.72 8.20 -5.08
C GLU B 135 7.14 6.76 -4.70
N GLY B 136 7.67 6.56 -3.49
CA GLY B 136 8.28 5.30 -3.04
C GLY B 136 7.33 4.13 -3.18
N LEU B 137 6.02 4.37 -2.99
CA LEU B 137 4.96 3.32 -3.11
C LEU B 137 4.96 2.73 -4.53
N ASP B 138 5.59 3.42 -5.49
CA ASP B 138 5.62 3.08 -6.94
C ASP B 138 7.04 2.67 -7.32
N LEU B 139 7.99 3.54 -7.04
CA LEU B 139 9.40 3.37 -7.43
C LEU B 139 9.99 2.14 -6.71
N GLY B 140 9.53 1.85 -5.49
CA GLY B 140 9.93 0.66 -4.74
C GLY B 140 9.46 -0.65 -5.39
N ARG B 141 8.24 -0.65 -5.93
CA ARG B 141 7.74 -1.77 -6.74
C ARG B 141 8.67 -1.92 -7.96
N VAL B 142 9.07 -0.80 -8.57
CA VAL B 142 9.95 -0.85 -9.75
C VAL B 142 11.25 -1.52 -9.32
N CYS B 143 11.76 -1.11 -8.14
CA CYS B 143 12.97 -1.67 -7.48
C CYS B 143 12.82 -3.18 -7.31
N LEU B 144 11.70 -3.61 -6.72
CA LEU B 144 11.42 -5.05 -6.45
C LEU B 144 11.55 -5.82 -7.76
N ARG B 145 10.80 -5.43 -8.79
CA ARG B 145 10.85 -6.11 -10.11
C ARG B 145 12.29 -6.12 -10.62
N LYS B 146 13.01 -4.99 -10.51
CA LYS B 146 14.38 -4.84 -11.05
C LYS B 146 15.28 -5.93 -10.46
N TRP B 147 15.26 -6.08 -9.14
CA TRP B 147 16.17 -6.99 -8.39
C TRP B 147 15.62 -8.41 -8.42
N GLY B 148 14.47 -8.59 -9.06
CA GLY B 148 13.89 -9.91 -9.35
C GLY B 148 12.98 -10.40 -8.25
N TYR B 149 12.29 -9.50 -7.58
CA TYR B 149 11.33 -9.84 -6.50
C TYR B 149 9.91 -9.70 -7.09
N ARG B 150 8.93 -10.44 -6.57
CA ARG B 150 7.51 -10.10 -6.75
C ARG B 150 6.90 -9.80 -5.37
N ARG B 151 6.27 -8.64 -5.24
CA ARG B 151 5.63 -8.19 -3.98
C ARG B 151 4.43 -9.08 -3.70
N CYS B 152 4.44 -9.83 -2.59
CA CYS B 152 3.26 -10.61 -2.14
C CYS B 152 2.55 -9.95 -0.93
N GLU B 153 3.18 -8.99 -0.23
CA GLU B 153 2.56 -8.29 0.95
C GLU B 153 2.90 -6.79 0.95
N ASP B 154 1.92 -5.96 1.32
CA ASP B 154 2.09 -4.51 1.56
C ASP B 154 1.72 -4.23 3.03
N ILE B 155 2.71 -4.04 3.86
CA ILE B 155 2.60 -3.81 5.32
C ILE B 155 2.49 -2.32 5.59
N CYS B 156 1.51 -1.86 6.38
CA CYS B 156 1.33 -0.42 6.68
C CYS B 156 1.66 -0.11 8.14
N TRP B 157 2.59 0.81 8.35
CA TRP B 157 2.79 1.53 9.61
C TRP B 157 1.78 2.66 9.65
N ILE B 158 0.83 2.57 10.57
CA ILE B 158 -0.26 3.56 10.77
C ILE B 158 0.01 4.34 12.05
N LYS B 159 0.29 5.62 11.90
CA LYS B 159 0.77 6.47 13.00
C LYS B 159 -0.42 7.20 13.62
N THR B 160 -0.45 7.27 14.97
CA THR B 160 -1.51 7.95 15.74
C THR B 160 -1.00 9.33 16.21
N ASN B 161 -1.91 10.28 16.40
CA ASN B 161 -1.60 11.65 16.87
C ASN B 161 -2.44 11.92 18.12
N LYS B 162 -2.49 10.94 19.03
CA LYS B 162 -3.20 11.04 20.33
C LYS B 162 -2.56 12.14 21.19
N ASN B 163 -1.23 12.16 21.22
CA ASN B 163 -0.44 13.15 22.02
C ASN B 163 -0.43 14.49 21.28
N ASN B 164 -1.03 14.57 20.08
CA ASN B 164 -0.95 15.78 19.21
C ASN B 164 -2.10 15.77 18.20
N PRO B 165 -3.37 15.88 18.64
CA PRO B 165 -4.49 16.12 17.73
C PRO B 165 -4.23 17.30 16.79
N GLY B 166 -4.39 17.07 15.47
CA GLY B 166 -4.13 18.07 14.40
C GLY B 166 -4.16 17.44 13.01
N LEU B 171 2.04 18.94 4.36
CA LEU B 171 1.91 17.96 3.24
C LEU B 171 2.65 18.50 2.00
N ASP B 172 3.24 17.61 1.19
CA ASP B 172 3.84 17.96 -0.13
C ASP B 172 2.71 18.42 -1.05
N PRO B 173 3.02 19.25 -2.07
CA PRO B 173 1.98 19.90 -2.87
C PRO B 173 1.11 18.92 -3.67
N LYS B 174 1.73 17.85 -4.20
CA LYS B 174 1.08 16.86 -5.11
C LYS B 174 -0.07 16.15 -4.39
N ALA B 175 0.09 15.93 -3.08
CA ALA B 175 -0.80 15.15 -2.20
C ALA B 175 -2.16 15.81 -2.06
N VAL B 176 -3.16 14.98 -1.77
CA VAL B 176 -4.61 15.30 -1.77
C VAL B 176 -5.11 15.21 -0.33
N PHE B 177 -4.55 14.27 0.42
CA PHE B 177 -4.97 13.95 1.80
C PHE B 177 -3.74 14.01 2.70
N GLN B 178 -3.92 14.45 3.93
CA GLN B 178 -2.87 14.35 4.98
C GLN B 178 -2.40 12.91 5.00
N ARG B 179 -1.10 12.68 4.93
CA ARG B 179 -0.51 11.33 4.91
C ARG B 179 -0.16 10.93 6.35
N THR B 180 -0.57 9.73 6.78
CA THR B 180 -0.60 9.34 8.21
C THR B 180 -0.16 7.90 8.34
N LYS B 181 0.64 7.41 7.40
CA LYS B 181 1.17 6.00 7.36
C LYS B 181 2.43 5.94 6.49
N GLU B 182 3.26 4.94 6.70
CA GLU B 182 4.38 4.57 5.82
C GLU B 182 4.17 3.15 5.35
N HIS B 183 4.70 2.76 4.19
CA HIS B 183 4.55 1.39 3.63
C HIS B 183 5.88 0.64 3.70
N CYS B 184 5.84 -0.61 4.12
CA CYS B 184 6.90 -1.58 3.88
C CYS B 184 6.40 -2.64 2.90
N LEU B 185 7.08 -2.79 1.77
CA LEU B 185 6.72 -3.78 0.73
C LEU B 185 7.56 -5.01 0.95
N MET B 186 6.91 -6.15 0.95
CA MET B 186 7.54 -7.47 1.11
C MET B 186 7.65 -8.11 -0.27
N GLY B 187 8.84 -8.60 -0.63
CA GLY B 187 9.11 -9.20 -1.94
C GLY B 187 9.67 -10.59 -1.80
N ILE B 188 9.30 -11.50 -2.71
CA ILE B 188 9.81 -12.90 -2.75
C ILE B 188 10.58 -13.16 -4.06
N LYS B 189 11.54 -14.08 -3.98
CA LYS B 189 12.48 -14.46 -5.05
C LYS B 189 12.73 -15.96 -4.94
N GLY B 190 12.48 -16.71 -5.98
CA GLY B 190 12.25 -18.16 -5.88
C GLY B 190 10.76 -18.41 -5.72
N THR B 191 10.36 -19.67 -5.58
CA THR B 191 8.93 -20.12 -5.61
C THR B 191 8.13 -19.46 -4.48
N ASP B 206 0.38 -12.95 12.76
CA ASP B 206 0.87 -11.60 12.35
C ASP B 206 0.00 -11.06 11.21
N ILE B 207 -0.41 -9.80 11.32
CA ILE B 207 -1.25 -9.08 10.32
C ILE B 207 -0.32 -8.10 9.55
N ASP B 208 -0.88 -7.32 8.61
CA ASP B 208 -0.13 -6.50 7.62
C ASP B 208 -0.19 -5.03 8.06
N LEU B 209 -0.37 -4.82 9.37
CA LEU B 209 -0.53 -3.48 9.98
C LEU B 209 0.42 -3.34 11.16
N ILE B 210 0.83 -2.12 11.45
CA ILE B 210 1.60 -1.73 12.67
C ILE B 210 1.03 -0.37 13.11
N ILE B 211 0.51 -0.31 14.32
CA ILE B 211 -0.08 0.93 14.88
C ILE B 211 0.82 1.41 16.01
N THR B 212 1.41 2.60 15.86
CA THR B 212 2.16 3.33 16.92
C THR B 212 1.84 4.83 16.81
N GLU B 213 2.30 5.61 17.79
CA GLU B 213 2.17 7.08 17.75
C GLU B 213 3.14 7.61 16.69
N GLU B 214 2.77 8.67 15.99
CA GLU B 214 3.68 9.45 15.13
C GLU B 214 4.91 9.73 15.95
N PRO B 215 6.12 9.39 15.48
CA PRO B 215 7.35 9.76 16.17
C PRO B 215 7.45 11.28 16.23
N GLU B 216 8.06 11.80 17.30
CA GLU B 216 8.52 13.21 17.38
C GLU B 216 9.17 13.54 16.05
N ILE B 217 8.68 14.58 15.38
CA ILE B 217 9.01 14.87 13.96
C ILE B 217 10.53 14.99 13.83
N GLY B 218 11.10 14.45 12.74
CA GLY B 218 12.55 14.45 12.46
C GLY B 218 13.26 13.21 13.02
N ASN B 219 12.66 12.53 14.00
CA ASN B 219 13.11 11.19 14.49
C ASN B 219 12.73 10.13 13.45
N ILE B 220 13.70 9.42 12.88
CA ILE B 220 13.59 8.77 11.55
C ILE B 220 13.33 7.26 11.70
N GLU B 221 13.23 6.76 12.93
CA GLU B 221 13.23 5.31 13.26
C GLU B 221 11.90 4.68 12.85
N LYS B 222 11.92 3.38 12.54
CA LYS B 222 10.69 2.62 12.16
C LYS B 222 10.33 1.64 13.29
N PRO B 223 9.04 1.34 13.51
CA PRO B 223 8.65 0.44 14.60
C PRO B 223 9.40 -0.90 14.49
N VAL B 224 9.85 -1.38 15.65
CA VAL B 224 10.63 -2.63 15.77
C VAL B 224 9.76 -3.79 15.33
N GLU B 225 8.46 -3.64 15.59
CA GLU B 225 7.43 -4.64 15.24
C GLU B 225 7.83 -5.30 13.90
N ILE B 226 8.41 -4.52 13.00
CA ILE B 226 8.89 -5.00 11.69
C ILE B 226 9.73 -6.26 11.89
N PHE B 227 10.74 -6.21 12.76
CA PHE B 227 11.65 -7.34 13.05
C PHE B 227 10.84 -8.53 13.54
N HIS B 228 9.88 -8.28 14.39
CA HIS B 228 8.98 -9.32 14.92
C HIS B 228 8.33 -10.02 13.73
N ILE B 229 7.81 -9.27 12.78
CA ILE B 229 7.06 -9.86 11.65
C ILE B 229 8.02 -10.68 10.79
N ILE B 230 9.15 -10.14 10.42
CA ILE B 230 10.19 -10.88 9.64
C ILE B 230 10.56 -12.18 10.37
N GLU B 231 10.90 -12.07 11.65
CA GLU B 231 11.56 -13.16 12.41
C GLU B 231 10.54 -14.29 12.60
N HIS B 232 9.26 -13.93 12.74
CA HIS B 232 8.13 -14.86 12.92
C HIS B 232 7.79 -15.58 11.59
N PHE B 233 8.37 -15.18 10.46
CA PHE B 233 8.17 -15.88 9.17
C PHE B 233 9.13 -17.06 9.04
N CYS B 234 10.20 -17.09 9.84
CA CYS B 234 11.21 -18.17 9.83
C CYS B 234 11.75 -18.38 8.40
N LEU B 235 12.47 -17.39 7.84
CA LEU B 235 12.83 -17.30 6.40
C LEU B 235 14.25 -17.81 6.15
N GLY B 236 15.09 -17.84 7.17
CA GLY B 236 16.55 -18.10 7.08
C GLY B 236 17.31 -17.32 8.15
N ARG B 237 18.52 -17.75 8.50
CA ARG B 237 19.31 -17.17 9.60
C ARG B 237 20.28 -16.12 9.05
N ARG B 238 20.42 -16.08 7.73
CA ARG B 238 21.24 -15.09 6.98
C ARG B 238 20.40 -13.81 6.77
N ARG B 239 20.43 -12.85 7.73
CA ARG B 239 19.54 -11.64 7.72
C ARG B 239 20.38 -10.37 7.70
N LEU B 240 20.08 -9.46 6.75
CA LEU B 240 20.85 -8.21 6.49
C LEU B 240 19.94 -6.97 6.62
N HIS B 241 20.31 -6.02 7.49
CA HIS B 241 19.67 -4.68 7.58
C HIS B 241 20.57 -3.62 6.92
N LEU B 242 20.15 -3.13 5.75
CA LEU B 242 20.85 -2.04 5.03
C LEU B 242 20.34 -0.70 5.51
N PHE B 243 21.26 0.22 5.80
CA PHE B 243 20.97 1.57 6.30
C PHE B 243 20.45 1.47 7.72
N GLY B 244 20.79 0.37 8.38
CA GLY B 244 20.60 0.25 9.81
C GLY B 244 21.46 1.23 10.53
N ARG B 245 21.17 1.46 11.81
CA ARG B 245 21.90 2.38 12.69
C ARG B 245 22.40 1.59 13.91
N ASP B 246 23.30 2.21 14.70
CA ASP B 246 23.75 1.73 16.03
C ASP B 246 22.52 1.31 16.83
N SER B 247 21.44 2.09 16.75
CA SER B 247 20.18 1.94 17.51
C SER B 247 19.39 0.70 17.08
N THR B 248 19.61 0.17 15.88
CA THR B 248 18.79 -0.94 15.31
C THR B 248 19.54 -2.26 15.43
N ILE B 249 20.83 -2.23 15.80
CA ILE B 249 21.65 -3.48 15.87
C ILE B 249 20.92 -4.52 16.75
N ARG B 250 20.92 -5.76 16.33
CA ARG B 250 19.94 -6.78 16.80
C ARG B 250 20.55 -8.17 16.62
N PRO B 251 20.32 -9.12 17.55
CA PRO B 251 20.86 -10.46 17.40
C PRO B 251 20.17 -11.11 16.19
N GLY B 252 20.85 -12.02 15.52
CA GLY B 252 20.35 -12.69 14.31
C GLY B 252 20.44 -11.83 13.03
N TRP B 253 21.01 -10.62 13.10
CA TRP B 253 21.04 -9.62 11.98
C TRP B 253 22.47 -9.14 11.72
N LEU B 254 22.81 -8.93 10.45
CA LEU B 254 23.99 -8.14 10.03
C LEU B 254 23.51 -6.74 9.68
N THR B 255 23.78 -5.76 10.53
CA THR B 255 23.43 -4.36 10.22
C THR B 255 24.59 -3.75 9.45
N VAL B 256 24.30 -3.08 8.32
CA VAL B 256 25.31 -2.38 7.45
C VAL B 256 24.76 -1.00 7.05
N GLY B 257 25.55 0.04 7.30
CA GLY B 257 25.13 1.43 7.09
C GLY B 257 26.26 2.42 7.37
N PRO B 258 26.10 3.67 6.87
CA PRO B 258 27.14 4.68 7.01
C PRO B 258 27.31 5.23 8.43
N THR B 259 26.24 5.26 9.24
CA THR B 259 26.18 6.00 10.53
C THR B 259 26.66 5.13 11.71
N LEU B 260 26.80 3.82 11.52
CA LEU B 260 27.34 2.90 12.54
C LEU B 260 28.65 3.43 13.02
N THR B 261 28.89 3.39 14.33
CA THR B 261 30.05 4.02 14.98
C THR B 261 31.12 2.97 15.21
N ASN B 262 30.81 1.68 15.07
CA ASN B 262 31.76 0.57 15.24
C ASN B 262 31.42 -0.59 14.29
N SER B 263 32.40 -1.44 14.04
CA SER B 263 32.29 -2.61 13.13
C SER B 263 32.83 -3.85 13.83
N ASN B 264 32.11 -4.97 13.75
CA ASN B 264 32.58 -6.29 14.24
C ASN B 264 32.64 -7.29 13.08
N TYR B 265 32.24 -6.88 11.87
CA TYR B 265 32.00 -7.78 10.69
C TYR B 265 33.30 -8.40 10.19
N ASN B 266 33.22 -9.67 9.81
CA ASN B 266 34.27 -10.46 9.14
C ASN B 266 33.61 -11.59 8.37
N ALA B 267 33.75 -11.57 7.05
CA ALA B 267 33.04 -12.47 6.12
C ALA B 267 33.27 -13.93 6.50
N GLU B 268 34.52 -14.33 6.71
CA GLU B 268 34.90 -15.73 7.02
C GLU B 268 34.16 -16.14 8.29
N THR B 269 34.18 -15.27 9.29
CA THR B 269 33.57 -15.49 10.62
C THR B 269 32.05 -15.60 10.48
N TYR B 270 31.45 -14.63 9.79
CA TYR B 270 29.99 -14.59 9.58
C TYR B 270 29.60 -15.88 8.88
N ALA B 271 30.29 -16.18 7.79
CA ALA B 271 30.07 -17.39 6.98
C ALA B 271 30.08 -18.60 7.91
N SER B 272 31.07 -18.67 8.78
CA SER B 272 31.30 -19.78 9.71
C SER B 272 30.02 -20.14 10.49
N TYR B 273 29.05 -19.23 10.57
CA TYR B 273 27.84 -19.40 11.41
C TYR B 273 26.81 -20.25 10.69
N PHE B 274 26.97 -20.43 9.38
CA PHE B 274 26.01 -21.15 8.49
C PHE B 274 26.70 -22.32 7.77
N SER B 275 27.72 -22.93 8.37
CA SER B 275 28.45 -24.10 7.80
C SER B 275 27.77 -25.40 8.27
N ALA B 276 27.42 -26.29 7.34
CA ALA B 276 26.79 -27.60 7.62
C ALA B 276 27.27 -28.08 8.99
N PRO B 277 26.37 -28.37 9.96
CA PRO B 277 24.93 -28.45 9.72
C PRO B 277 24.08 -27.30 10.30
N ASN B 278 24.16 -26.11 9.70
CA ASN B 278 23.44 -24.89 10.17
C ASN B 278 22.93 -24.09 8.99
N SER B 279 23.37 -24.46 7.78
CA SER B 279 23.28 -23.67 6.53
C SER B 279 21.81 -23.34 6.22
N TYR B 280 20.96 -24.36 6.39
CA TYR B 280 19.59 -24.45 5.84
C TYR B 280 18.61 -23.90 6.87
N LEU B 281 18.92 -24.07 8.16
CA LEU B 281 18.01 -23.80 9.31
C LEU B 281 17.09 -22.59 9.02
N THR B 282 15.90 -22.61 9.62
CA THR B 282 14.80 -21.64 9.43
C THR B 282 15.08 -20.37 10.19
N GLY B 283 15.71 -20.50 11.37
CA GLY B 283 15.82 -19.44 12.40
C GLY B 283 14.84 -19.71 13.54
N CYS B 284 13.82 -20.53 13.27
CA CYS B 284 12.74 -20.95 14.21
C CYS B 284 12.96 -22.38 14.70
N THR B 285 13.76 -23.17 13.97
CA THR B 285 14.17 -24.54 14.37
C THR B 285 14.99 -24.47 15.66
N GLU B 286 15.32 -25.63 16.23
CA GLU B 286 16.46 -25.79 17.16
C GLU B 286 17.77 -25.68 16.35
N GLU B 287 18.91 -25.52 17.04
CA GLU B 287 20.25 -25.88 16.51
C GLU B 287 20.37 -27.41 16.56
N ILE B 288 21.48 -27.97 16.08
CA ILE B 288 21.75 -29.44 16.07
C ILE B 288 23.14 -29.68 16.70
N GLU B 289 23.15 -30.39 17.83
CA GLU B 289 24.32 -30.54 18.76
C GLU B 289 25.64 -30.40 18.01
C6 V22 C . -17.99 -4.77 -8.75
C5 V22 C . -19.01 -5.52 -9.28
C21 V22 C . -17.90 -6.83 -8.02
C20 V22 C . -17.35 -7.88 -7.26
C19 V22 C . -16.26 -7.64 -6.51
C30 V22 C . -17.87 -8.87 -16.35
C31 V22 C . -18.24 -8.38 -15.16
C29 V22 C . -18.07 -8.13 -17.52
C24 V22 C . -20.07 -4.64 -14.94
C8 V22 C . -16.19 -5.39 -7.18
C28 V22 C . -18.65 -6.94 -17.44
C9 V22 C . -15.64 -6.36 -6.45
C23 V22 C . -19.84 -5.41 -13.88
C32 V22 C . -18.89 -7.07 -15.07
C25 V22 C . -19.67 -5.13 -16.26
C2 V22 C . -20.30 -4.82 -12.60
C16 V22 C . -12.38 -2.62 -0.96
C15 V22 C . -11.51 -3.57 -1.73
C17 V22 C . -13.75 -2.57 -1.57
C14 V22 C . -12.09 -4.96 -1.62
C18 V22 C . -14.40 -3.93 -1.59
C13 V22 C . -13.52 -5.05 -2.15
C4 V22 C . -20.07 -5.12 -10.21
C10 V22 C . -14.45 -6.19 -5.59
C12 V22 C . -13.48 -4.99 -3.66
N22 V22 C . -18.94 -6.80 -8.82
N33 V22 C . -19.25 -6.64 -13.90
N7 V22 C . -17.29 -5.62 -7.94
N27 V22 C . -19.07 -6.38 -16.25
N3 V22 C . -19.57 -5.31 -11.54
N11 V22 C . -14.72 -5.60 -4.24
O26 V22 C . -19.86 -4.44 -17.26
O1 V22 C . -21.21 -4.01 -12.52
S DMS D . 5.20 -7.29 -8.62
O DMS D . 6.33 -7.71 -7.78
C1 DMS D . 5.37 -8.11 -10.21
C2 DMS D . 5.56 -5.66 -9.11
#